data_7VM8
#
_entry.id   7VM8
#
_cell.length_a   110.982
_cell.length_b   110.982
_cell.length_c   91.600
_cell.angle_alpha   90.000
_cell.angle_beta   90.000
_cell.angle_gamma   90.000
#
_symmetry.space_group_name_H-M   'I 4'
#
_entity_poly.entity_id   1
_entity_poly.type   'polypeptide(L)'
_entity_poly.pdbx_seq_one_letter_code
;EVIERNHVLILGWSDKLGSLLKQLAIANKSVGGGVIVVLAEKEKEEMEMDIAKLEFDFMGTSVICRSGSPLILADLKKVS
VSKARAIIVLAADENADQSDARALRVVLSLAGVKEGLRGHVVVEMSDLDNEPLVKLVGGELIETVVAHDVIGRLMIQCAL
QPGLAQIWEDILGFENAEFYIKRWPELDDLLFKDILISFPDAIPCGVKVAADGGKIVINPDDNYVLRDGDEVLVIAEDDD
TYAPGPLPEVRKGYFPRIRDPPKYPEKILFCGWRRDIDDMIMVLEAFLAPGSELWMFNEVPEKERERKLAAGELDVFGLE
NIKLVHREGNAVIRRHLESLPLETFDSILILADESVEDSVAHSDSRSLATLLLIRDIQSRRLPYRDTKSTSLRLSGFSHN
SWIREMQQASDKSIIISEILDSRTRNLVSVSRISDYVLSNELVSMALAMVAEDKQINRVLEELFAEEGNEMCIKPAEFYL
FDQEELCFYDIMIRGRTRKEIVIGYRLANQERAIINPSEKSVPRKWSLDDVFVVLASG
;
_entity_poly.pdbx_strand_id   A
#
# COMPACT_ATOMS: atom_id res chain seq x y z
N ARG A 5 27.29 10.35 7.13
CA ARG A 5 26.52 10.48 8.36
C ARG A 5 25.42 9.43 8.40
N ASN A 6 25.23 8.75 7.27
CA ASN A 6 24.23 7.68 7.11
C ASN A 6 22.87 8.12 7.65
N HIS A 7 22.32 9.14 7.00
CA HIS A 7 21.06 9.77 7.39
C HIS A 7 20.05 9.64 6.27
N VAL A 8 18.87 10.20 6.49
CA VAL A 8 17.80 10.25 5.50
C VAL A 8 17.65 11.69 5.04
N LEU A 9 17.74 11.89 3.72
CA LEU A 9 17.67 13.21 3.12
C LEU A 9 16.40 13.32 2.30
N ILE A 10 15.52 14.24 2.67
CA ILE A 10 14.26 14.48 1.96
C ILE A 10 14.43 15.75 1.14
N LEU A 11 14.07 15.68 -0.14
CA LEU A 11 14.25 16.79 -1.07
C LEU A 11 12.89 17.31 -1.47
N GLY A 12 12.42 18.36 -0.79
CA GLY A 12 11.13 18.95 -1.08
C GLY A 12 10.26 19.07 0.15
N TRP A 13 9.23 19.92 0.07
CA TRP A 13 8.29 20.10 1.17
C TRP A 13 6.87 19.94 0.66
N SER A 14 6.07 19.20 1.43
CA SER A 14 4.65 19.02 1.11
C SER A 14 3.94 18.64 2.41
N ASP A 15 2.70 18.16 2.26
CA ASP A 15 1.93 17.72 3.43
C ASP A 15 2.19 16.26 3.80
N LYS A 16 2.55 15.43 2.82
CA LYS A 16 3.05 14.09 3.07
C LYS A 16 4.33 14.08 3.87
N LEU A 17 5.07 15.19 3.87
CA LEU A 17 6.33 15.26 4.61
C LEU A 17 6.11 15.00 6.10
N GLY A 18 5.08 15.64 6.67
CA GLY A 18 4.84 15.49 8.10
C GLY A 18 4.61 14.04 8.50
N SER A 19 3.77 13.34 7.75
CA SER A 19 3.53 11.92 8.01
C SER A 19 4.72 11.06 7.59
N LEU A 20 5.51 11.52 6.61
CA LEU A 20 6.71 10.79 6.23
C LEU A 20 7.73 10.79 7.35
N LEU A 21 7.87 11.93 8.04
CA LEU A 21 8.76 12.00 9.19
C LEU A 21 8.26 11.11 10.33
N LYS A 22 6.93 11.05 10.51
CA LYS A 22 6.37 10.19 11.54
C LYS A 22 6.78 8.74 11.34
N GLN A 23 6.61 8.22 10.12
CA GLN A 23 6.92 6.83 9.85
C GLN A 23 8.42 6.54 9.95
N LEU A 24 9.25 7.50 9.56
CA LEU A 24 10.69 7.35 9.75
C LEU A 24 11.05 7.30 11.22
N ALA A 25 10.35 8.07 12.05
CA ALA A 25 10.62 8.03 13.49
C ALA A 25 10.31 6.66 14.08
N ILE A 26 9.24 6.01 13.59
CA ILE A 26 8.82 4.75 14.21
C ILE A 26 9.81 3.64 13.90
N ALA A 27 10.31 3.60 12.67
CA ALA A 27 11.30 2.59 12.30
C ALA A 27 12.64 2.84 12.98
N ASN A 28 12.97 4.11 13.23
CA ASN A 28 14.23 4.45 13.89
C ASN A 28 14.16 4.33 15.41
N LYS A 29 13.02 3.87 15.95
CA LYS A 29 12.92 3.66 17.39
C LYS A 29 13.85 2.54 17.86
N SER A 30 14.09 1.54 17.00
CA SER A 30 14.91 0.39 17.33
C SER A 30 16.40 0.65 17.12
N VAL A 31 16.82 1.91 17.10
CA VAL A 31 18.20 2.30 16.85
C VAL A 31 18.53 3.41 17.84
N GLY A 32 17.50 3.89 18.53
CA GLY A 32 17.66 5.02 19.42
C GLY A 32 17.50 6.35 18.72
N GLY A 33 16.77 6.37 17.61
CA GLY A 33 16.58 7.58 16.84
C GLY A 33 17.69 7.80 15.82
N GLY A 34 17.39 8.65 14.85
CA GLY A 34 18.35 9.04 13.84
C GLY A 34 18.23 10.50 13.48
N VAL A 35 18.82 10.94 12.37
CA VAL A 35 18.71 12.32 11.94
C VAL A 35 18.10 12.34 10.55
N ILE A 36 17.15 13.24 10.35
CA ILE A 36 16.52 13.47 9.06
C ILE A 36 16.81 14.90 8.66
N VAL A 37 17.16 15.10 7.38
CA VAL A 37 17.48 16.41 6.86
C VAL A 37 16.52 16.73 5.72
N VAL A 38 15.82 17.85 5.82
CA VAL A 38 14.90 18.31 4.80
C VAL A 38 15.57 19.42 4.01
N LEU A 39 15.49 19.33 2.68
CA LEU A 39 16.06 20.32 1.77
C LEU A 39 14.94 20.80 0.87
N ALA A 40 14.43 22.00 1.14
CA ALA A 40 13.34 22.60 0.38
C ALA A 40 13.66 24.07 0.15
N GLU A 41 12.87 24.69 -0.73
CA GLU A 41 13.02 26.11 -1.06
C GLU A 41 12.19 27.01 -0.16
N LYS A 42 11.92 26.56 1.07
CA LYS A 42 11.27 27.35 2.10
C LYS A 42 12.33 27.95 3.03
N GLU A 43 11.93 28.95 3.80
CA GLU A 43 12.85 29.56 4.75
C GLU A 43 13.00 28.69 5.99
N LYS A 44 14.22 28.70 6.56
CA LYS A 44 14.57 27.82 7.66
C LYS A 44 13.53 27.83 8.77
N GLU A 45 13.22 29.01 9.30
CA GLU A 45 12.21 29.12 10.36
C GLU A 45 10.89 28.52 9.90
N GLU A 46 10.38 28.94 8.74
CA GLU A 46 9.12 28.42 8.22
C GLU A 46 9.08 26.89 8.25
N MET A 47 10.18 26.25 7.83
CA MET A 47 10.26 24.80 7.90
C MET A 47 10.40 24.34 9.36
N GLU A 48 11.22 25.03 10.14
CA GLU A 48 11.42 24.64 11.55
C GLU A 48 10.20 24.94 12.39
N MET A 49 9.45 26.01 12.07
CA MET A 49 8.21 26.29 12.79
C MET A 49 7.22 25.14 12.63
N ASP A 50 7.03 24.68 11.39
CA ASP A 50 6.11 23.57 11.14
C ASP A 50 6.60 22.28 11.79
N ILE A 51 7.92 22.09 11.88
CA ILE A 51 8.45 20.88 12.51
C ILE A 51 8.03 20.83 13.98
N ALA A 52 8.19 21.96 14.68
CA ALA A 52 7.83 22.00 16.10
C ALA A 52 6.32 21.97 16.31
N LYS A 53 5.53 22.29 15.29
CA LYS A 53 4.08 22.17 15.37
C LYS A 53 3.63 20.78 14.91
N LEU A 54 4.22 19.78 15.56
CA LEU A 54 3.89 18.38 15.33
C LEU A 54 3.95 17.67 16.68
N GLU A 55 2.84 17.11 17.11
CA GLU A 55 2.72 16.58 18.46
C GLU A 55 3.04 15.10 18.57
N PHE A 56 3.33 14.43 17.47
CA PHE A 56 3.76 13.04 17.55
C PHE A 56 5.12 12.96 18.23
N ASP A 57 5.38 11.84 18.89
CA ASP A 57 6.64 11.66 19.60
C ASP A 57 7.74 11.33 18.61
N PHE A 58 8.73 12.23 18.50
CA PHE A 58 9.85 12.01 17.60
C PHE A 58 10.63 10.77 18.00
N MET A 59 10.92 10.64 19.29
CA MET A 59 11.51 9.45 19.91
C MET A 59 12.93 9.20 19.40
N GLY A 60 13.86 10.05 19.81
CA GLY A 60 15.26 9.93 19.48
C GLY A 60 15.65 10.48 18.12
N THR A 61 14.70 10.71 17.22
CA THR A 61 15.01 11.10 15.85
C THR A 61 15.02 12.62 15.73
N SER A 62 16.13 13.15 15.23
CA SER A 62 16.27 14.58 15.02
C SER A 62 15.90 14.94 13.58
N VAL A 63 15.35 16.14 13.41
CA VAL A 63 15.01 16.68 12.09
C VAL A 63 15.76 17.98 11.90
N ILE A 64 16.45 18.10 10.77
CA ILE A 64 17.28 19.26 10.47
C ILE A 64 16.75 19.90 9.19
N CYS A 65 16.54 21.22 9.22
CA CYS A 65 15.93 21.95 8.11
C CYS A 65 16.95 22.89 7.47
N ARG A 66 16.93 22.93 6.14
CA ARG A 66 17.83 23.77 5.36
C ARG A 66 17.06 24.37 4.19
N SER A 67 17.40 25.62 3.86
CA SER A 67 16.83 26.31 2.71
C SER A 67 17.76 26.17 1.51
N GLY A 68 17.22 25.69 0.41
CA GLY A 68 18.01 25.52 -0.79
C GLY A 68 17.23 24.74 -1.83
N SER A 69 17.90 24.51 -2.97
CA SER A 69 17.28 23.80 -4.08
C SER A 69 17.97 22.47 -4.30
N PRO A 70 17.21 21.37 -4.42
CA PRO A 70 17.83 20.08 -4.77
C PRO A 70 18.20 19.97 -6.23
N LEU A 71 18.23 21.12 -6.93
CA LEU A 71 18.78 21.21 -8.27
C LEU A 71 20.21 21.73 -8.29
N ILE A 72 20.57 22.58 -7.33
CA ILE A 72 21.94 23.06 -7.19
C ILE A 72 22.73 22.00 -6.42
N LEU A 73 23.81 21.51 -7.03
CA LEU A 73 24.63 20.51 -6.36
C LEU A 73 25.35 21.09 -5.15
N ALA A 74 25.67 22.39 -5.19
CA ALA A 74 26.33 23.03 -4.05
C ALA A 74 25.48 22.96 -2.79
N ASP A 75 24.15 23.02 -2.93
CA ASP A 75 23.27 22.87 -1.77
C ASP A 75 23.18 21.42 -1.31
N LEU A 76 23.31 20.46 -2.23
CA LEU A 76 23.25 19.06 -1.88
C LEU A 76 24.42 18.60 -1.00
N LYS A 77 25.47 19.42 -0.89
CA LYS A 77 26.58 19.09 -0.01
C LYS A 77 26.41 19.64 1.41
N LYS A 78 25.72 20.78 1.55
CA LYS A 78 25.41 21.27 2.90
C LYS A 78 24.67 20.23 3.71
N VAL A 79 23.86 19.41 3.06
CA VAL A 79 23.07 18.38 3.71
C VAL A 79 23.61 16.98 3.42
N SER A 80 24.74 16.90 2.73
CA SER A 80 25.51 15.66 2.54
C SER A 80 24.70 14.62 1.77
N VAL A 81 24.52 14.89 0.48
CA VAL A 81 23.78 13.97 -0.37
C VAL A 81 24.58 12.69 -0.57
N SER A 82 25.90 12.80 -0.72
N SER A 82 25.90 12.80 -0.73
CA SER A 82 26.74 11.65 -0.97
CA SER A 82 26.73 11.63 -0.97
C SER A 82 26.83 10.73 0.25
C SER A 82 26.82 10.72 0.25
N LYS A 83 26.56 11.25 1.44
CA LYS A 83 26.63 10.48 2.67
C LYS A 83 25.26 10.03 3.18
N ALA A 84 24.19 10.43 2.51
CA ALA A 84 22.86 9.99 2.92
C ALA A 84 22.66 8.52 2.67
N ARG A 85 22.05 7.83 3.63
CA ARG A 85 21.75 6.42 3.44
C ARG A 85 20.51 6.22 2.56
N ALA A 86 19.64 7.22 2.50
CA ALA A 86 18.45 7.17 1.67
C ALA A 86 18.08 8.58 1.26
N ILE A 87 17.72 8.75 0.00
CA ILE A 87 17.44 10.05 -0.59
C ILE A 87 16.04 10.00 -1.19
N ILE A 88 15.10 10.72 -0.59
CA ILE A 88 13.73 10.79 -1.08
C ILE A 88 13.52 12.12 -1.78
N VAL A 89 12.96 12.07 -2.98
CA VAL A 89 12.54 13.27 -3.70
C VAL A 89 11.03 13.37 -3.53
N LEU A 90 10.61 14.28 -2.64
CA LEU A 90 9.18 14.50 -2.42
C LEU A 90 8.55 15.14 -3.66
N ALA A 91 7.44 14.58 -4.11
CA ALA A 91 6.63 15.24 -5.13
C ALA A 91 5.93 16.44 -4.49
N ALA A 92 5.09 17.12 -5.25
CA ALA A 92 4.37 18.30 -4.75
C ALA A 92 2.86 18.07 -4.84
N ASP A 93 2.09 19.06 -4.39
CA ASP A 93 0.63 18.94 -4.31
C ASP A 93 -0.08 19.87 -5.29
N GLU A 94 0.47 20.04 -6.49
CA GLU A 94 -0.23 20.80 -7.52
C GLU A 94 -0.12 20.06 -8.86
N ASN A 95 0.16 20.78 -9.95
CA ASN A 95 0.30 20.21 -11.27
C ASN A 95 1.09 18.91 -11.27
N ALA A 96 0.42 17.82 -11.65
CA ALA A 96 1.07 16.51 -11.68
C ALA A 96 2.19 16.47 -12.71
N ASP A 97 2.01 17.15 -13.84
CA ASP A 97 3.06 17.18 -14.86
C ASP A 97 4.22 18.06 -14.42
N GLN A 98 3.94 19.23 -13.84
CA GLN A 98 5.00 20.07 -13.31
C GLN A 98 5.80 19.35 -12.23
N SER A 99 5.11 18.64 -11.34
CA SER A 99 5.79 17.94 -10.25
C SER A 99 6.72 16.85 -10.79
N ASP A 100 6.22 16.05 -11.74
CA ASP A 100 7.04 14.98 -12.30
C ASP A 100 8.22 15.53 -13.08
N ALA A 101 8.05 16.68 -13.75
CA ALA A 101 9.16 17.30 -14.45
C ALA A 101 10.25 17.77 -13.47
N ARG A 102 9.84 18.21 -12.28
CA ARG A 102 10.82 18.50 -11.23
C ARG A 102 11.57 17.25 -10.81
N ALA A 103 10.83 16.18 -10.49
CA ALA A 103 11.45 14.96 -9.99
C ALA A 103 12.47 14.40 -10.97
N LEU A 104 12.19 14.52 -12.27
CA LEU A 104 13.17 14.10 -13.27
C LEU A 104 14.46 14.90 -13.15
N ARG A 105 14.35 16.20 -12.87
CA ARG A 105 15.52 17.06 -12.89
C ARG A 105 16.33 16.95 -11.61
N VAL A 106 15.68 16.72 -10.47
CA VAL A 106 16.41 16.35 -9.26
C VAL A 106 17.16 15.04 -9.49
N VAL A 107 16.50 14.09 -10.16
CA VAL A 107 17.13 12.80 -10.45
C VAL A 107 18.37 12.98 -11.30
N LEU A 108 18.32 13.93 -12.24
CA LEU A 108 19.49 14.22 -13.06
C LEU A 108 20.68 14.67 -12.22
N SER A 109 20.48 15.71 -11.41
CA SER A 109 21.56 16.25 -10.60
C SER A 109 22.13 15.20 -9.65
N LEU A 110 21.31 14.28 -9.17
CA LEU A 110 21.79 13.26 -8.25
C LEU A 110 22.68 12.25 -8.97
N ALA A 111 22.28 11.82 -10.17
CA ALA A 111 23.10 10.90 -10.95
C ALA A 111 24.41 11.52 -11.39
N GLY A 112 24.47 12.85 -11.46
CA GLY A 112 25.65 13.59 -11.85
C GLY A 112 26.57 13.97 -10.71
N VAL A 113 26.20 13.71 -9.46
CA VAL A 113 27.06 13.99 -8.33
C VAL A 113 28.33 13.17 -8.48
N LYS A 114 29.44 13.83 -8.78
CA LYS A 114 30.69 13.13 -9.08
C LYS A 114 31.24 12.39 -7.87
N GLU A 115 30.80 12.73 -6.66
CA GLU A 115 31.23 12.01 -5.46
C GLU A 115 30.59 10.65 -5.31
N GLY A 116 29.63 10.28 -6.17
CA GLY A 116 28.93 9.02 -6.05
C GLY A 116 27.87 9.08 -4.97
N LEU A 117 27.06 8.03 -4.84
CA LEU A 117 25.96 8.03 -3.87
C LEU A 117 26.07 6.80 -2.99
N ARG A 118 26.14 7.02 -1.67
CA ARG A 118 26.19 5.90 -0.73
C ARG A 118 24.89 5.13 -0.73
N GLY A 119 23.76 5.84 -0.79
CA GLY A 119 22.46 5.25 -0.72
C GLY A 119 21.72 5.24 -2.05
N HIS A 120 20.41 5.07 -1.96
CA HIS A 120 19.53 4.94 -3.11
C HIS A 120 18.52 6.09 -3.14
N VAL A 121 17.91 6.27 -4.29
CA VAL A 121 16.92 7.32 -4.52
C VAL A 121 15.54 6.69 -4.54
N VAL A 122 14.60 7.32 -3.83
CA VAL A 122 13.19 6.95 -3.86
C VAL A 122 12.42 8.16 -4.39
N VAL A 123 11.82 8.01 -5.56
CA VAL A 123 11.14 9.11 -6.25
C VAL A 123 9.64 8.90 -6.13
N GLU A 124 8.93 9.96 -5.76
CA GLU A 124 7.47 9.94 -5.69
C GLU A 124 6.92 10.52 -6.99
N MET A 125 6.25 9.69 -7.77
CA MET A 125 5.73 10.08 -9.08
C MET A 125 4.27 10.49 -8.97
N SER A 126 3.82 11.22 -10.00
CA SER A 126 2.43 11.70 -10.06
C SER A 126 1.69 11.02 -11.20
N ASP A 127 1.94 11.40 -12.45
CA ASP A 127 1.32 10.72 -13.58
C ASP A 127 2.12 9.46 -13.90
N LEU A 128 1.42 8.31 -13.92
CA LEU A 128 2.11 7.05 -14.19
C LEU A 128 2.69 7.02 -15.60
N ASP A 129 2.07 7.76 -16.54
CA ASP A 129 2.57 7.80 -17.91
C ASP A 129 3.93 8.50 -18.00
N ASN A 130 4.45 8.95 -16.86
CA ASN A 130 5.69 9.71 -16.82
C ASN A 130 6.75 9.04 -15.96
N GLU A 131 6.48 7.84 -15.44
CA GLU A 131 7.43 7.13 -14.59
C GLU A 131 8.50 6.38 -15.40
N PRO A 132 8.16 5.67 -16.48
CA PRO A 132 9.20 4.91 -17.20
C PRO A 132 10.35 5.76 -17.72
N LEU A 133 10.22 7.08 -17.71
CA LEU A 133 11.33 7.95 -18.11
C LEU A 133 12.37 8.08 -17.00
N VAL A 134 11.92 8.07 -15.74
CA VAL A 134 12.84 8.25 -14.62
C VAL A 134 13.57 6.96 -14.27
N LYS A 135 12.91 5.81 -14.38
CA LYS A 135 13.63 4.55 -14.31
C LYS A 135 14.64 4.37 -15.45
N LEU A 136 14.79 5.34 -16.35
CA LEU A 136 15.75 5.32 -17.45
C LEU A 136 16.93 6.25 -17.25
N VAL A 137 16.76 7.34 -16.50
CA VAL A 137 17.86 8.27 -16.23
C VAL A 137 18.73 7.76 -15.08
N GLY A 138 18.15 7.63 -13.88
CA GLY A 138 18.93 7.23 -12.73
C GLY A 138 19.25 5.76 -12.67
N GLY A 139 18.35 4.92 -13.15
CA GLY A 139 18.61 3.49 -13.24
C GLY A 139 18.48 2.71 -11.94
N GLU A 140 19.61 2.20 -11.44
CA GLU A 140 19.60 1.32 -10.27
C GLU A 140 19.45 2.08 -8.96
N LEU A 141 20.00 3.30 -8.89
CA LEU A 141 19.88 4.11 -7.68
C LEU A 141 18.43 4.39 -7.30
N ILE A 142 17.49 4.18 -8.21
CA ILE A 142 16.17 4.77 -8.15
C ILE A 142 15.12 3.70 -7.93
N GLU A 143 14.18 3.99 -7.03
CA GLU A 143 12.92 3.27 -6.93
C GLU A 143 11.78 4.27 -7.09
N THR A 144 10.87 3.96 -8.01
CA THR A 144 9.76 4.86 -8.34
C THR A 144 8.51 4.45 -7.57
N VAL A 145 7.84 5.44 -6.99
CA VAL A 145 6.63 5.21 -6.22
C VAL A 145 5.53 6.15 -6.72
N VAL A 146 4.84 5.73 -7.78
CA VAL A 146 3.79 6.56 -8.38
C VAL A 146 2.62 6.67 -7.41
N ALA A 147 2.58 7.76 -6.66
CA ALA A 147 1.60 7.91 -5.59
C ALA A 147 0.17 7.86 -6.12
N HIS A 148 -0.11 8.63 -7.18
CA HIS A 148 -1.46 8.65 -7.75
C HIS A 148 -1.89 7.26 -8.18
N ASP A 149 -0.98 6.50 -8.78
CA ASP A 149 -1.33 5.15 -9.23
C ASP A 149 -1.47 4.18 -8.06
N VAL A 150 -0.60 4.33 -7.05
CA VAL A 150 -0.69 3.46 -5.86
C VAL A 150 -2.02 3.68 -5.15
N ILE A 151 -2.37 4.94 -4.89
CA ILE A 151 -3.62 5.26 -4.22
C ILE A 151 -4.80 4.57 -4.92
N GLY A 152 -4.73 4.46 -6.24
CA GLY A 152 -5.76 3.76 -6.99
C GLY A 152 -5.86 2.28 -6.65
N ARG A 153 -4.74 1.56 -6.76
CA ARG A 153 -4.78 0.11 -6.56
C ARG A 153 -5.22 -0.27 -5.16
N LEU A 154 -4.86 0.53 -4.15
CA LEU A 154 -5.36 0.29 -2.80
C LEU A 154 -6.88 0.36 -2.74
N MET A 155 -7.45 1.41 -3.32
CA MET A 155 -8.90 1.59 -3.31
CA MET A 155 -8.90 1.59 -3.30
C MET A 155 -9.61 0.38 -3.88
N ILE A 156 -9.09 -0.15 -4.99
CA ILE A 156 -9.74 -1.29 -5.64
C ILE A 156 -9.69 -2.52 -4.74
N GLN A 157 -8.50 -2.86 -4.23
CA GLN A 157 -8.38 -4.02 -3.36
C GLN A 157 -9.29 -3.93 -2.16
N CYS A 158 -9.23 -2.80 -1.45
CA CYS A 158 -10.09 -2.63 -0.27
C CYS A 158 -11.56 -2.62 -0.66
N ALA A 159 -11.89 -2.16 -1.87
CA ALA A 159 -13.27 -2.16 -2.33
C ALA A 159 -13.76 -3.57 -2.66
N LEU A 160 -12.85 -4.52 -2.83
CA LEU A 160 -13.21 -5.89 -3.11
C LEU A 160 -13.27 -6.74 -1.85
N GLN A 161 -12.54 -6.37 -0.80
CA GLN A 161 -12.58 -7.04 0.49
C GLN A 161 -12.45 -6.00 1.59
N PRO A 162 -13.51 -5.73 2.35
CA PRO A 162 -13.41 -4.76 3.45
C PRO A 162 -12.62 -5.35 4.61
N GLY A 163 -12.21 -4.46 5.51
CA GLY A 163 -11.33 -4.87 6.59
C GLY A 163 -9.88 -4.86 6.16
N LEU A 164 -9.64 -5.23 4.89
CA LEU A 164 -8.34 -5.05 4.28
C LEU A 164 -7.85 -3.61 4.41
N ALA A 165 -8.77 -2.66 4.54
CA ALA A 165 -8.40 -1.28 4.80
C ALA A 165 -7.64 -1.15 6.11
N GLN A 166 -8.24 -1.62 7.21
CA GLN A 166 -7.57 -1.58 8.51
C GLN A 166 -6.28 -2.37 8.49
N ILE A 167 -6.24 -3.49 7.74
CA ILE A 167 -5.06 -4.32 7.69
C ILE A 167 -3.97 -3.68 6.84
N TRP A 168 -4.35 -3.12 5.68
CA TRP A 168 -3.38 -2.42 4.85
C TRP A 168 -2.84 -1.16 5.52
N GLU A 169 -3.34 -0.79 6.70
CA GLU A 169 -2.83 0.34 7.46
C GLU A 169 -1.86 -0.07 8.56
N ASP A 170 -2.12 -1.20 9.23
CA ASP A 170 -1.17 -1.82 10.14
C ASP A 170 0.14 -2.09 9.40
N ILE A 171 0.08 -3.04 8.48
CA ILE A 171 1.22 -3.54 7.70
C ILE A 171 1.97 -2.39 7.05
N LEU A 172 1.27 -1.59 6.24
CA LEU A 172 1.90 -0.50 5.50
C LEU A 172 2.46 0.59 6.39
N GLY A 173 2.21 0.55 7.70
CA GLY A 173 2.82 1.46 8.63
C GLY A 173 3.93 0.78 9.41
N PHE A 174 4.74 1.61 10.07
CA PHE A 174 5.73 1.07 10.99
C PHE A 174 5.16 0.88 12.39
N GLU A 175 3.98 1.42 12.66
CA GLU A 175 3.15 0.91 13.74
C GLU A 175 2.82 -0.56 13.49
N ASN A 176 2.67 -1.30 14.59
CA ASN A 176 2.38 -2.73 14.57
C ASN A 176 3.48 -3.44 13.77
N ALA A 177 3.15 -4.36 12.85
CA ALA A 177 4.13 -5.11 12.07
C ALA A 177 4.35 -4.53 10.68
N GLU A 178 5.44 -4.94 10.05
CA GLU A 178 5.83 -4.44 8.75
C GLU A 178 6.73 -5.47 8.09
N PHE A 179 7.38 -5.10 7.00
CA PHE A 179 8.14 -6.04 6.20
C PHE A 179 9.63 -5.88 6.44
N TYR A 180 10.35 -7.01 6.50
CA TYR A 180 11.79 -7.00 6.73
C TYR A 180 12.45 -8.15 5.98
N ILE A 181 13.69 -7.93 5.58
CA ILE A 181 14.49 -8.91 4.87
C ILE A 181 15.86 -8.97 5.53
N LYS A 182 16.18 -10.12 6.11
CA LYS A 182 17.44 -10.37 6.80
C LYS A 182 17.99 -11.69 6.29
N ARG A 183 19.28 -11.94 6.51
CA ARG A 183 19.89 -13.21 6.13
C ARG A 183 20.07 -14.08 7.38
N TRP A 184 19.51 -15.29 7.33
CA TRP A 184 19.67 -16.29 8.38
C TRP A 184 20.40 -17.50 7.82
N PRO A 185 21.74 -17.55 7.94
CA PRO A 185 22.46 -18.74 7.48
C PRO A 185 22.16 -19.99 8.28
N GLU A 186 21.60 -19.87 9.49
CA GLU A 186 21.24 -21.05 10.27
C GLU A 186 20.31 -21.97 9.50
N LEU A 187 19.47 -21.41 8.64
CA LEU A 187 18.49 -22.17 7.87
C LEU A 187 18.98 -22.49 6.47
N ASP A 188 20.29 -22.41 6.23
CA ASP A 188 20.84 -22.85 4.96
C ASP A 188 20.66 -24.36 4.82
N ASP A 189 20.21 -24.79 3.64
CA ASP A 189 19.80 -26.16 3.31
C ASP A 189 18.53 -26.59 4.03
N LEU A 190 17.77 -25.66 4.59
CA LEU A 190 16.51 -25.99 5.25
C LEU A 190 15.35 -25.80 4.28
N LEU A 191 14.35 -26.67 4.39
CA LEU A 191 13.18 -26.59 3.53
C LEU A 191 12.27 -25.47 4.00
N PHE A 192 11.59 -24.83 3.03
CA PHE A 192 10.75 -23.68 3.37
C PHE A 192 9.56 -24.10 4.23
N LYS A 193 9.04 -25.31 4.01
CA LYS A 193 8.07 -25.96 4.89
C LYS A 193 8.49 -25.80 6.34
N ASP A 194 9.80 -25.88 6.57
CA ASP A 194 10.39 -25.79 7.89
C ASP A 194 10.69 -24.36 8.31
N ILE A 195 11.10 -23.51 7.36
CA ILE A 195 11.39 -22.12 7.67
C ILE A 195 10.12 -21.35 7.97
N LEU A 196 8.99 -21.78 7.39
CA LEU A 196 7.71 -21.13 7.64
C LEU A 196 7.40 -21.08 9.13
N ILE A 197 7.79 -22.11 9.88
CA ILE A 197 7.45 -22.23 11.29
C ILE A 197 8.65 -22.04 12.20
N SER A 198 9.82 -21.75 11.64
CA SER A 198 11.03 -21.61 12.44
C SER A 198 11.05 -20.37 13.32
N PHE A 199 10.05 -19.49 13.22
CA PHE A 199 10.11 -18.18 13.87
C PHE A 199 9.02 -18.05 14.92
N PRO A 200 9.37 -17.89 16.20
CA PRO A 200 8.33 -17.61 17.21
C PRO A 200 7.76 -16.21 17.10
N ASP A 201 8.57 -15.22 16.69
CA ASP A 201 8.12 -13.83 16.63
C ASP A 201 8.29 -13.26 15.23
N ALA A 202 7.70 -13.93 14.25
CA ALA A 202 7.69 -13.48 12.85
C ALA A 202 6.71 -14.36 12.09
N ILE A 203 6.60 -14.10 10.79
CA ILE A 203 5.84 -14.95 9.88
C ILE A 203 6.53 -14.88 8.52
N PRO A 204 7.27 -15.90 8.11
CA PRO A 204 7.99 -15.84 6.84
C PRO A 204 7.03 -15.77 5.66
N CYS A 205 7.21 -14.76 4.82
CA CYS A 205 6.38 -14.54 3.64
C CYS A 205 7.07 -14.88 2.34
N GLY A 206 8.35 -14.55 2.20
CA GLY A 206 9.07 -14.80 0.97
C GLY A 206 10.56 -15.06 1.15
N VAL A 207 11.28 -15.19 0.05
CA VAL A 207 12.71 -15.48 0.05
C VAL A 207 13.37 -14.63 -1.03
N LYS A 208 14.63 -14.26 -0.79
CA LYS A 208 15.45 -13.53 -1.75
C LYS A 208 16.45 -14.54 -2.34
N VAL A 209 16.13 -15.06 -3.52
CA VAL A 209 16.87 -16.18 -4.11
C VAL A 209 18.18 -15.67 -4.70
N ALA A 210 19.29 -16.17 -4.18
CA ALA A 210 20.61 -15.68 -4.60
C ALA A 210 20.94 -16.15 -6.01
N ALA A 211 20.54 -17.36 -6.39
CA ALA A 211 20.89 -17.90 -7.70
C ALA A 211 20.30 -17.07 -8.83
N ASP A 212 19.19 -16.39 -8.58
CA ASP A 212 18.50 -15.59 -9.58
C ASP A 212 19.02 -14.17 -9.70
N GLY A 213 19.94 -13.77 -8.81
CA GLY A 213 20.37 -12.39 -8.70
C GLY A 213 19.79 -11.67 -7.51
N GLY A 214 19.07 -12.35 -6.65
CA GLY A 214 18.45 -11.73 -5.49
C GLY A 214 16.96 -11.52 -5.59
N LYS A 215 16.31 -12.10 -6.59
CA LYS A 215 14.88 -11.86 -6.80
C LYS A 215 14.08 -12.33 -5.60
N ILE A 216 13.11 -11.51 -5.20
CA ILE A 216 12.30 -11.77 -4.02
C ILE A 216 11.08 -12.60 -4.43
N VAL A 217 10.94 -13.77 -3.84
CA VAL A 217 9.94 -14.74 -4.25
C VAL A 217 8.89 -14.82 -3.15
N ILE A 218 7.76 -14.14 -3.36
CA ILE A 218 6.64 -14.22 -2.44
C ILE A 218 5.99 -15.60 -2.57
N ASN A 219 5.78 -16.26 -1.42
CA ASN A 219 5.08 -17.54 -1.37
C ASN A 219 5.79 -18.57 -2.24
N PRO A 220 6.98 -19.04 -1.84
CA PRO A 220 7.75 -19.94 -2.71
C PRO A 220 7.32 -21.39 -2.62
N ASP A 221 8.21 -22.28 -3.05
CA ASP A 221 7.96 -23.73 -3.00
C ASP A 221 8.34 -24.27 -1.64
N ASP A 222 7.53 -25.22 -1.15
CA ASP A 222 7.82 -25.85 0.13
C ASP A 222 8.94 -26.87 0.04
N ASN A 223 9.18 -27.43 -1.15
CA ASN A 223 10.36 -28.26 -1.37
C ASN A 223 11.59 -27.45 -1.70
N TYR A 224 11.44 -26.14 -1.90
CA TYR A 224 12.56 -25.29 -2.28
C TYR A 224 13.59 -25.22 -1.16
N VAL A 225 14.84 -25.54 -1.49
CA VAL A 225 15.91 -25.59 -0.51
C VAL A 225 16.56 -24.22 -0.41
N LEU A 226 16.75 -23.73 0.81
CA LEU A 226 17.46 -22.47 1.02
C LEU A 226 18.93 -22.64 0.66
N ARG A 227 19.35 -21.94 -0.39
CA ARG A 227 20.71 -22.02 -0.89
C ARG A 227 21.59 -21.00 -0.18
N ASP A 228 22.90 -21.11 -0.41
CA ASP A 228 23.83 -20.14 0.15
C ASP A 228 23.60 -18.77 -0.49
N GLY A 229 23.25 -17.79 0.34
CA GLY A 229 23.03 -16.43 -0.10
C GLY A 229 21.60 -15.95 -0.01
N ASP A 230 20.66 -16.81 0.35
CA ASP A 230 19.25 -16.41 0.40
C ASP A 230 18.97 -15.55 1.64
N GLU A 231 17.91 -14.75 1.54
CA GLU A 231 17.46 -13.90 2.64
C GLU A 231 15.96 -14.01 2.76
N VAL A 232 15.48 -14.22 4.00
CA VAL A 232 14.06 -14.47 4.22
C VAL A 232 13.30 -13.15 4.26
N LEU A 233 11.98 -13.24 4.07
CA LEU A 233 11.07 -12.10 4.18
C LEU A 233 9.96 -12.48 5.15
N VAL A 234 9.77 -11.66 6.20
CA VAL A 234 8.80 -11.95 7.24
C VAL A 234 7.98 -10.69 7.55
N ILE A 235 6.87 -10.90 8.25
CA ILE A 235 6.07 -9.83 8.83
C ILE A 235 6.38 -9.83 10.33
N ALA A 236 7.22 -8.89 10.76
CA ALA A 236 7.66 -8.79 12.14
C ALA A 236 7.48 -7.35 12.62
N GLU A 237 7.60 -7.16 13.94
CA GLU A 237 7.27 -5.87 14.52
C GLU A 237 8.39 -4.86 14.35
N ASP A 238 9.64 -5.32 14.21
CA ASP A 238 10.75 -4.40 13.96
C ASP A 238 11.95 -5.24 13.51
N ASP A 239 13.03 -4.55 13.16
CA ASP A 239 14.16 -5.21 12.53
C ASP A 239 15.06 -5.88 13.57
N ASP A 240 14.48 -6.35 14.68
CA ASP A 240 15.29 -7.00 15.71
C ASP A 240 14.47 -7.87 16.65
N THR A 241 13.17 -8.02 16.38
CA THR A 241 12.30 -8.88 17.18
C THR A 241 11.99 -10.19 16.48
N TYR A 242 12.77 -10.58 15.49
CA TYR A 242 12.54 -11.83 14.77
C TYR A 242 13.86 -12.55 14.54
N ALA A 243 13.88 -13.83 14.90
CA ALA A 243 15.02 -14.72 14.68
C ALA A 243 14.49 -16.14 14.65
N PRO A 244 15.11 -17.05 13.89
CA PRO A 244 14.56 -18.41 13.77
C PRO A 244 14.74 -19.24 15.03
N GLY A 245 14.76 -20.56 14.88
CA GLY A 245 14.92 -21.46 15.98
C GLY A 245 14.70 -22.91 15.58
N PRO A 246 13.95 -23.65 16.39
CA PRO A 246 13.68 -25.05 16.06
C PRO A 246 12.26 -25.29 15.57
N LEU A 247 12.11 -26.24 14.67
CA LEU A 247 10.79 -26.60 14.17
C LEU A 247 9.94 -27.17 15.32
N PRO A 248 8.77 -26.62 15.58
CA PRO A 248 7.97 -27.10 16.72
C PRO A 248 7.15 -28.34 16.37
N GLU A 249 6.46 -28.87 17.37
CA GLU A 249 5.62 -30.05 17.21
C GLU A 249 4.60 -29.87 16.10
N VAL A 250 4.47 -30.85 15.22
CA VAL A 250 3.45 -30.79 14.19
C VAL A 250 2.06 -30.93 14.82
N ARG A 251 1.62 -29.87 15.47
CA ARG A 251 0.20 -29.66 15.68
C ARG A 251 -0.39 -29.90 14.30
N LYS A 252 -1.28 -30.90 14.21
CA LYS A 252 -1.50 -31.69 12.98
C LYS A 252 -2.38 -30.99 11.96
N GLY A 253 -1.85 -30.82 10.74
CA GLY A 253 -2.56 -30.08 9.70
C GLY A 253 -2.80 -30.90 8.45
N TYR A 254 -3.95 -31.57 8.40
CA TYR A 254 -4.31 -32.43 7.28
C TYR A 254 -5.75 -32.16 6.84
N PHE A 255 -6.18 -30.89 6.92
CA PHE A 255 -7.55 -30.54 6.54
C PHE A 255 -7.77 -30.87 5.06
N PRO A 256 -9.01 -31.23 4.69
CA PRO A 256 -9.23 -31.76 3.33
C PRO A 256 -9.24 -30.72 2.23
N ARG A 257 -9.85 -31.07 1.10
CA ARG A 257 -9.87 -30.22 -0.09
C ARG A 257 -10.54 -28.87 0.18
N ILE A 258 -11.86 -28.89 0.35
CA ILE A 258 -12.65 -27.68 0.57
C ILE A 258 -12.44 -26.72 -0.59
N ARG A 259 -13.03 -27.03 -1.75
CA ARG A 259 -12.83 -26.22 -2.94
C ARG A 259 -13.48 -24.85 -2.78
N ASP A 260 -12.88 -23.86 -3.43
CA ASP A 260 -13.40 -22.50 -3.37
C ASP A 260 -14.70 -22.39 -4.15
N PRO A 261 -15.54 -21.41 -3.80
CA PRO A 261 -16.89 -21.34 -4.34
C PRO A 261 -16.92 -20.51 -5.61
N PRO A 262 -18.10 -20.37 -6.29
CA PRO A 262 -18.10 -19.60 -7.54
C PRO A 262 -17.84 -18.12 -7.35
N LYS A 263 -17.89 -17.37 -8.45
CA LYS A 263 -17.53 -15.96 -8.46
C LYS A 263 -18.69 -15.11 -8.94
N TYR A 264 -19.53 -14.63 -8.01
CA TYR A 264 -20.56 -13.66 -8.34
C TYR A 264 -19.91 -12.39 -8.87
N PRO A 265 -20.29 -11.91 -10.06
CA PRO A 265 -19.81 -10.62 -10.53
C PRO A 265 -20.37 -9.48 -9.70
N GLU A 266 -19.63 -8.39 -9.64
CA GLU A 266 -19.96 -7.27 -8.78
C GLU A 266 -20.23 -6.01 -9.59
N LYS A 267 -20.99 -5.09 -9.00
CA LYS A 267 -21.32 -3.82 -9.61
C LYS A 267 -20.62 -2.71 -8.82
N ILE A 268 -19.85 -1.89 -9.53
CA ILE A 268 -18.99 -0.89 -8.91
C ILE A 268 -19.36 0.49 -9.41
N LEU A 269 -19.33 1.47 -8.51
CA LEU A 269 -19.62 2.87 -8.83
C LEU A 269 -18.33 3.67 -8.69
N PHE A 270 -17.84 4.21 -9.81
CA PHE A 270 -16.73 5.15 -9.81
C PHE A 270 -17.31 6.56 -9.83
N CYS A 271 -17.08 7.32 -8.76
CA CYS A 271 -17.60 8.68 -8.61
C CYS A 271 -16.51 9.67 -8.98
N GLY A 272 -16.73 10.41 -10.06
CA GLY A 272 -15.79 11.42 -10.49
C GLY A 272 -14.76 10.88 -11.46
N TRP A 273 -14.24 11.77 -12.30
CA TRP A 273 -13.21 11.41 -13.29
C TRP A 273 -11.84 11.73 -12.70
N ARG A 274 -11.22 10.72 -12.10
CA ARG A 274 -9.85 10.81 -11.65
C ARG A 274 -8.92 10.86 -12.86
N ARG A 275 -7.72 11.40 -12.66
CA ARG A 275 -6.75 11.44 -13.75
C ARG A 275 -6.25 10.02 -14.02
N ASP A 276 -6.27 9.63 -15.29
CA ASP A 276 -5.81 8.31 -15.73
C ASP A 276 -6.67 7.20 -15.13
N ILE A 277 -8.00 7.33 -15.29
CA ILE A 277 -8.91 6.31 -14.77
C ILE A 277 -8.74 4.99 -15.50
N ASP A 278 -8.36 5.02 -16.78
CA ASP A 278 -8.13 3.80 -17.53
C ASP A 278 -7.23 2.84 -16.77
N ASP A 279 -6.25 3.38 -16.04
CA ASP A 279 -5.37 2.55 -15.23
C ASP A 279 -6.14 1.77 -14.17
N MET A 280 -7.23 2.35 -13.66
CA MET A 280 -7.99 1.66 -12.63
C MET A 280 -8.96 0.65 -13.22
N ILE A 281 -9.52 0.94 -14.40
CA ILE A 281 -10.37 -0.02 -15.09
C ILE A 281 -9.56 -1.27 -15.43
N MET A 282 -8.31 -1.09 -15.84
CA MET A 282 -7.45 -2.23 -16.17
C MET A 282 -7.22 -3.10 -14.94
N VAL A 283 -6.89 -2.48 -13.81
CA VAL A 283 -6.74 -3.24 -12.56
C VAL A 283 -8.06 -3.90 -12.19
N LEU A 284 -9.17 -3.17 -12.34
CA LEU A 284 -10.47 -3.69 -11.93
C LEU A 284 -10.88 -4.92 -12.76
N GLU A 285 -10.77 -4.82 -14.08
CA GLU A 285 -11.23 -5.93 -14.92
C GLU A 285 -10.41 -7.19 -14.71
N ALA A 286 -9.17 -7.08 -14.24
CA ALA A 286 -8.41 -8.27 -13.92
C ALA A 286 -9.02 -8.99 -12.73
N PHE A 287 -9.38 -8.24 -11.68
CA PHE A 287 -9.84 -8.83 -10.44
C PHE A 287 -11.22 -9.47 -10.59
N LEU A 288 -12.13 -8.80 -11.29
CA LEU A 288 -13.54 -9.13 -11.22
C LEU A 288 -13.88 -10.38 -12.04
N ALA A 289 -14.92 -11.07 -11.60
CA ALA A 289 -15.44 -12.23 -12.30
C ALA A 289 -16.11 -11.81 -13.61
N PRO A 290 -16.21 -12.73 -14.56
CA PRO A 290 -16.94 -12.42 -15.81
C PRO A 290 -18.41 -12.16 -15.53
N GLY A 291 -18.93 -11.10 -16.14
CA GLY A 291 -20.32 -10.70 -15.97
C GLY A 291 -20.55 -9.44 -15.16
N SER A 292 -19.50 -8.69 -14.84
CA SER A 292 -19.60 -7.56 -13.93
C SER A 292 -19.94 -6.27 -14.68
N GLU A 293 -20.37 -5.27 -13.91
CA GLU A 293 -20.68 -3.95 -14.43
C GLU A 293 -19.89 -2.89 -13.67
N LEU A 294 -19.24 -2.00 -14.40
CA LEU A 294 -18.55 -0.86 -13.80
C LEU A 294 -19.28 0.40 -14.25
N TRP A 295 -20.04 1.00 -13.34
CA TRP A 295 -20.74 2.23 -13.61
C TRP A 295 -19.85 3.42 -13.28
N MET A 296 -19.86 4.42 -14.18
CA MET A 296 -19.01 5.60 -14.03
C MET A 296 -19.90 6.83 -14.01
N PHE A 297 -20.06 7.42 -12.84
CA PHE A 297 -20.85 8.63 -12.65
C PHE A 297 -19.90 9.82 -12.53
N ASN A 298 -19.89 10.68 -13.54
CA ASN A 298 -19.03 11.85 -13.55
C ASN A 298 -19.69 12.92 -14.40
N GLU A 299 -18.95 13.99 -14.70
CA GLU A 299 -19.46 15.14 -15.42
C GLU A 299 -19.09 15.15 -16.90
N VAL A 300 -18.14 14.32 -17.31
CA VAL A 300 -17.60 14.30 -18.67
C VAL A 300 -18.62 13.68 -19.61
N PRO A 301 -18.82 14.24 -20.80
CA PRO A 301 -19.80 13.66 -21.74
C PRO A 301 -19.44 12.24 -22.14
N GLU A 302 -20.46 11.38 -22.19
CA GLU A 302 -20.27 9.98 -22.54
C GLU A 302 -19.62 9.79 -23.90
N LYS A 303 -19.77 10.75 -24.81
CA LYS A 303 -19.20 10.61 -26.15
C LYS A 303 -17.69 10.84 -26.15
N GLU A 304 -17.21 11.80 -25.36
CA GLU A 304 -15.78 12.10 -25.31
C GLU A 304 -15.04 11.29 -24.26
N ARG A 305 -15.75 10.58 -23.38
CA ARG A 305 -15.10 9.64 -22.48
C ARG A 305 -14.29 8.62 -23.25
N GLU A 306 -14.87 8.11 -24.36
CA GLU A 306 -14.21 7.10 -25.18
C GLU A 306 -12.98 7.65 -25.89
N ARG A 307 -12.87 8.96 -26.07
CA ARG A 307 -11.65 9.55 -26.60
C ARG A 307 -10.57 9.57 -25.53
N LYS A 308 -10.92 10.00 -24.31
CA LYS A 308 -9.96 10.02 -23.22
C LYS A 308 -9.53 8.62 -22.82
N LEU A 309 -10.48 7.67 -22.84
CA LEU A 309 -10.13 6.29 -22.53
C LEU A 309 -9.25 5.68 -23.61
N ALA A 310 -9.53 5.99 -24.88
CA ALA A 310 -8.71 5.44 -25.97
C ALA A 310 -7.29 5.98 -25.92
N ALA A 311 -7.12 7.27 -25.59
CA ALA A 311 -5.81 7.89 -25.52
C ALA A 311 -5.08 7.60 -24.22
N GLY A 312 -5.52 6.60 -23.45
CA GLY A 312 -4.88 6.27 -22.20
C GLY A 312 -4.42 4.83 -22.12
N GLU A 313 -4.48 4.12 -23.25
CA GLU A 313 -4.01 2.75 -23.47
C GLU A 313 -5.11 1.70 -23.27
N LEU A 314 -6.33 2.11 -22.96
CA LEU A 314 -7.37 1.14 -22.62
C LEU A 314 -8.09 0.64 -23.86
N ASP A 315 -8.26 -0.67 -23.95
CA ASP A 315 -9.03 -1.32 -25.00
C ASP A 315 -10.39 -1.69 -24.40
N VAL A 316 -11.41 -0.89 -24.71
CA VAL A 316 -12.73 -1.14 -24.16
C VAL A 316 -13.36 -2.36 -24.82
N PHE A 317 -13.11 -2.54 -26.12
CA PHE A 317 -13.46 -3.81 -26.75
C PHE A 317 -12.56 -4.93 -26.24
N GLY A 318 -11.31 -4.61 -25.90
CA GLY A 318 -10.46 -5.52 -25.16
C GLY A 318 -10.92 -5.78 -23.75
N LEU A 319 -11.91 -5.02 -23.27
CA LEU A 319 -12.60 -5.41 -22.04
C LEU A 319 -13.53 -6.57 -22.32
N GLU A 320 -13.52 -7.57 -21.43
CA GLU A 320 -14.42 -8.72 -21.53
C GLU A 320 -15.09 -9.10 -20.23
N ASN A 321 -14.55 -8.77 -19.07
CA ASN A 321 -15.18 -9.10 -17.80
C ASN A 321 -16.24 -8.08 -17.40
N ILE A 322 -15.89 -6.79 -17.50
CA ILE A 322 -16.79 -5.72 -17.10
C ILE A 322 -17.39 -5.07 -18.34
N LYS A 323 -18.61 -4.59 -18.19
CA LYS A 323 -19.27 -3.74 -19.17
C LYS A 323 -19.38 -2.33 -18.60
N LEU A 324 -18.73 -1.37 -19.25
CA LEU A 324 -18.84 0.01 -18.83
C LEU A 324 -20.28 0.49 -18.95
N VAL A 325 -20.78 1.09 -17.89
CA VAL A 325 -22.06 1.80 -17.91
C VAL A 325 -21.76 3.25 -17.57
N HIS A 326 -22.00 4.14 -18.52
CA HIS A 326 -21.69 5.55 -18.38
C HIS A 326 -22.95 6.32 -17.98
N ARG A 327 -22.80 7.18 -16.98
CA ARG A 327 -23.86 8.09 -16.56
C ARG A 327 -23.23 9.46 -16.36
N GLU A 328 -24.06 10.49 -16.43
CA GLU A 328 -23.57 11.87 -16.41
C GLU A 328 -24.35 12.67 -15.36
N GLY A 329 -23.66 13.64 -14.77
CA GLY A 329 -24.24 14.47 -13.72
C GLY A 329 -23.22 14.88 -12.68
N ASN A 330 -23.60 15.83 -11.83
CA ASN A 330 -22.70 16.36 -10.81
C ASN A 330 -22.79 15.51 -9.56
N ALA A 331 -21.63 15.13 -9.02
CA ALA A 331 -21.54 14.22 -7.89
C ALA A 331 -21.60 14.93 -6.54
N VAL A 332 -21.84 16.24 -6.53
CA VAL A 332 -22.12 16.97 -5.30
C VAL A 332 -23.55 17.47 -5.26
N ILE A 333 -24.40 16.99 -6.15
CA ILE A 333 -25.81 17.34 -6.20
C ILE A 333 -26.61 16.08 -5.87
N ARG A 334 -27.37 16.14 -4.77
CA ARG A 334 -28.09 14.94 -4.33
C ARG A 334 -29.09 14.48 -5.37
N ARG A 335 -29.85 15.41 -5.95
CA ARG A 335 -30.84 15.09 -6.99
C ARG A 335 -30.25 14.15 -8.03
N HIS A 336 -28.98 14.34 -8.36
CA HIS A 336 -28.30 13.48 -9.31
C HIS A 336 -27.88 12.16 -8.69
N LEU A 337 -27.46 12.20 -7.43
CA LEU A 337 -26.96 10.99 -6.77
C LEU A 337 -28.08 9.98 -6.51
N GLU A 338 -29.23 10.46 -6.03
CA GLU A 338 -30.32 9.55 -5.66
C GLU A 338 -30.94 8.86 -6.86
N SER A 339 -30.79 9.43 -8.07
CA SER A 339 -31.28 8.75 -9.26
C SER A 339 -30.52 7.45 -9.52
N LEU A 340 -29.25 7.38 -9.10
CA LEU A 340 -28.48 6.17 -9.23
C LEU A 340 -29.08 5.07 -8.35
N PRO A 341 -28.95 3.81 -8.75
CA PRO A 341 -29.31 2.69 -7.85
C PRO A 341 -28.25 2.47 -6.78
N LEU A 342 -28.11 3.45 -5.88
CA LEU A 342 -27.12 3.40 -4.81
C LEU A 342 -27.35 2.21 -3.89
N GLU A 343 -28.41 1.43 -4.17
CA GLU A 343 -28.64 0.18 -3.47
C GLU A 343 -27.87 -0.97 -4.12
N THR A 344 -27.86 -1.02 -5.45
CA THR A 344 -27.37 -2.19 -6.19
C THR A 344 -25.87 -2.12 -6.47
N PHE A 345 -25.10 -1.38 -5.68
CA PHE A 345 -23.66 -1.28 -5.89
C PHE A 345 -22.94 -2.06 -4.81
N ASP A 346 -22.22 -3.10 -5.21
CA ASP A 346 -21.45 -3.91 -4.26
C ASP A 346 -20.45 -3.06 -3.49
N SER A 347 -19.89 -2.04 -4.14
CA SER A 347 -18.96 -1.12 -3.51
C SER A 347 -18.91 0.16 -4.34
N ILE A 348 -18.68 1.28 -3.66
CA ILE A 348 -18.62 2.59 -4.28
C ILE A 348 -17.27 3.22 -3.98
N LEU A 349 -16.61 3.74 -5.01
CA LEU A 349 -15.35 4.45 -4.88
C LEU A 349 -15.57 5.90 -5.23
N ILE A 350 -15.24 6.80 -4.30
CA ILE A 350 -15.28 8.23 -4.55
C ILE A 350 -13.89 8.67 -4.97
N LEU A 351 -13.74 9.01 -6.24
CA LEU A 351 -12.45 9.37 -6.80
C LEU A 351 -12.25 10.88 -6.79
N ALA A 352 -11.01 11.30 -6.59
CA ALA A 352 -10.66 12.72 -6.67
C ALA A 352 -10.57 13.12 -8.13
N ASP A 353 -11.43 14.06 -8.53
CA ASP A 353 -11.53 14.44 -9.93
C ASP A 353 -10.25 15.10 -10.41
N GLU A 354 -10.00 15.02 -11.72
CA GLU A 354 -8.78 15.57 -12.28
C GLU A 354 -8.92 17.05 -12.61
N SER A 355 -10.15 17.53 -12.84
CA SER A 355 -10.35 18.95 -13.10
C SER A 355 -9.95 19.79 -11.90
N VAL A 356 -10.39 19.39 -10.71
CA VAL A 356 -10.11 20.13 -9.49
C VAL A 356 -8.76 19.81 -8.88
N GLU A 357 -8.07 18.78 -9.37
CA GLU A 357 -6.90 18.27 -8.66
C GLU A 357 -5.74 19.26 -8.67
N ASP A 358 -5.68 20.16 -9.66
CA ASP A 358 -4.49 20.98 -9.83
C ASP A 358 -4.45 22.15 -8.85
N SER A 359 -5.20 22.03 -7.75
CA SER A 359 -5.06 22.88 -6.57
C SER A 359 -5.77 22.15 -5.44
N VAL A 360 -5.05 21.27 -4.75
CA VAL A 360 -5.68 20.22 -3.95
C VAL A 360 -6.72 20.80 -2.99
N ALA A 361 -6.49 22.03 -2.52
CA ALA A 361 -7.39 22.68 -1.58
C ALA A 361 -8.85 22.50 -1.95
N HIS A 362 -9.17 22.58 -3.25
CA HIS A 362 -10.51 22.32 -3.74
C HIS A 362 -10.78 20.84 -4.00
N SER A 363 -9.73 20.05 -4.24
CA SER A 363 -9.91 18.72 -4.83
C SER A 363 -10.65 17.78 -3.90
N ASP A 364 -10.20 17.67 -2.64
CA ASP A 364 -10.90 16.81 -1.69
C ASP A 364 -12.30 17.31 -1.40
N SER A 365 -12.52 18.62 -1.53
CA SER A 365 -13.76 19.23 -1.05
C SER A 365 -14.99 18.65 -1.74
N ARG A 366 -14.88 18.30 -3.03
CA ARG A 366 -16.02 17.69 -3.71
C ARG A 366 -16.19 16.24 -3.25
N SER A 367 -15.09 15.51 -3.07
CA SER A 367 -15.18 14.17 -2.51
C SER A 367 -15.84 14.19 -1.14
N LEU A 368 -15.57 15.23 -0.35
CA LEU A 368 -16.21 15.39 0.94
C LEU A 368 -17.72 15.52 0.79
N ALA A 369 -18.16 16.47 -0.03
CA ALA A 369 -19.58 16.59 -0.35
C ALA A 369 -20.12 15.28 -0.89
N THR A 370 -19.45 14.71 -1.89
CA THR A 370 -19.87 13.44 -2.46
C THR A 370 -19.97 12.36 -1.38
N LEU A 371 -19.03 12.35 -0.43
CA LEU A 371 -19.04 11.32 0.61
C LEU A 371 -20.24 11.46 1.54
N LEU A 372 -20.37 12.62 2.19
CA LEU A 372 -21.47 12.79 3.14
C LEU A 372 -22.82 12.59 2.47
N LEU A 373 -22.94 12.95 1.20
CA LEU A 373 -24.22 12.80 0.51
C LEU A 373 -24.58 11.33 0.31
N ILE A 374 -23.66 10.54 -0.24
CA ILE A 374 -23.93 9.12 -0.47
C ILE A 374 -24.28 8.43 0.83
N ARG A 375 -23.65 8.83 1.94
CA ARG A 375 -24.01 8.29 3.24
C ARG A 375 -25.46 8.57 3.59
N ASP A 376 -25.84 9.86 3.64
CA ASP A 376 -27.20 10.24 4.00
C ASP A 376 -28.24 9.60 3.09
N ILE A 377 -27.91 9.40 1.82
CA ILE A 377 -28.85 8.76 0.89
C ILE A 377 -29.09 7.32 1.28
N GLN A 378 -28.01 6.57 1.58
CA GLN A 378 -28.15 5.17 1.94
C GLN A 378 -28.96 4.96 3.22
N SER A 379 -29.22 6.02 3.97
CA SER A 379 -30.13 5.97 5.12
C SER A 379 -31.46 6.64 4.82
N ARG A 380 -31.47 7.76 4.09
CA ARG A 380 -32.69 8.51 3.89
C ARG A 380 -33.70 7.73 3.06
N ARG A 381 -33.23 7.00 2.04
CA ARG A 381 -34.15 6.35 1.11
C ARG A 381 -34.89 5.18 1.74
N LEU A 382 -34.36 4.63 2.83
CA LEU A 382 -34.93 3.41 3.39
C LEU A 382 -36.36 3.66 3.87
N PRO A 383 -37.27 2.68 3.69
CA PRO A 383 -38.74 2.77 3.79
C PRO A 383 -39.29 3.92 4.63
N SER A 413 -23.13 -1.66 1.52
CA SER A 413 -22.22 -1.37 0.42
C SER A 413 -20.92 -0.74 0.93
N ILE A 414 -19.79 -1.20 0.39
CA ILE A 414 -18.51 -0.62 0.75
C ILE A 414 -18.40 0.77 0.14
N ILE A 415 -17.93 1.72 0.93
CA ILE A 415 -17.74 3.09 0.48
C ILE A 415 -16.28 3.46 0.75
N ILE A 416 -15.51 3.63 -0.31
CA ILE A 416 -14.10 3.93 -0.21
C ILE A 416 -13.84 5.25 -0.90
N SER A 417 -13.34 6.22 -0.13
CA SER A 417 -13.23 7.61 -0.56
C SER A 417 -11.76 8.01 -0.63
N GLU A 418 -11.42 8.82 -1.63
CA GLU A 418 -10.08 9.37 -1.80
C GLU A 418 -10.10 10.82 -1.32
N ILE A 419 -9.59 11.05 -0.11
CA ILE A 419 -9.40 12.39 0.43
C ILE A 419 -7.91 12.52 0.71
N LEU A 420 -7.20 13.20 -0.18
CA LEU A 420 -5.74 13.14 -0.18
C LEU A 420 -5.15 13.67 1.13
N ASP A 421 -5.69 14.76 1.66
CA ASP A 421 -5.16 15.33 2.89
C ASP A 421 -5.54 14.45 4.07
N SER A 422 -4.55 13.95 4.78
CA SER A 422 -4.80 13.13 5.97
C SER A 422 -5.42 13.95 7.09
N ARG A 423 -5.09 15.25 7.14
CA ARG A 423 -5.69 16.13 8.14
C ARG A 423 -7.19 16.20 7.97
N THR A 424 -7.68 16.21 6.72
CA THR A 424 -9.11 16.20 6.47
C THR A 424 -9.70 14.81 6.67
N ARG A 425 -8.90 13.76 6.49
CA ARG A 425 -9.40 12.40 6.65
C ARG A 425 -9.82 12.13 8.08
N ASN A 426 -8.98 12.50 9.05
CA ASN A 426 -9.22 12.12 10.44
C ASN A 426 -10.58 12.64 10.94
N LEU A 427 -10.91 13.89 10.59
CA LEU A 427 -12.19 14.45 11.02
C LEU A 427 -13.36 13.70 10.42
N VAL A 428 -13.16 13.09 9.26
CA VAL A 428 -14.25 12.45 8.53
C VAL A 428 -14.19 10.93 8.58
N SER A 429 -13.02 10.35 8.89
CA SER A 429 -12.75 8.91 8.89
C SER A 429 -13.98 8.05 9.15
N VAL A 430 -14.67 8.30 10.27
CA VAL A 430 -15.77 7.49 10.79
C VAL A 430 -15.57 6.03 10.41
N SER A 431 -14.31 5.57 10.55
CA SER A 431 -13.83 4.44 9.76
C SER A 431 -14.77 3.25 9.80
N ARG A 432 -15.42 3.01 10.94
CA ARG A 432 -16.29 1.85 11.09
C ARG A 432 -15.46 0.64 10.66
N ILE A 433 -16.00 -0.24 9.82
CA ILE A 433 -15.26 -0.82 8.71
C ILE A 433 -16.18 -0.70 7.50
N SER A 434 -15.60 -0.91 6.32
CA SER A 434 -16.28 -0.80 5.02
C SER A 434 -16.70 0.63 4.68
N ASP A 435 -16.28 1.62 5.48
CA ASP A 435 -16.28 3.02 5.07
C ASP A 435 -14.88 3.51 5.40
N TYR A 436 -13.93 3.19 4.54
CA TYR A 436 -12.56 3.64 4.68
C TYR A 436 -12.29 4.77 3.70
N VAL A 437 -11.63 5.82 4.18
CA VAL A 437 -11.25 6.95 3.34
C VAL A 437 -9.73 7.01 3.31
N LEU A 438 -9.16 7.02 2.11
CA LEU A 438 -7.72 6.95 1.93
C LEU A 438 -7.12 8.36 1.90
N SER A 439 -5.90 8.46 2.41
CA SER A 439 -5.21 9.74 2.50
C SER A 439 -3.78 9.58 2.00
N ASN A 440 -3.11 10.72 1.81
CA ASN A 440 -1.71 10.72 1.42
C ASN A 440 -0.79 10.30 2.56
N GLU A 441 -1.33 10.10 3.76
CA GLU A 441 -0.55 9.49 4.84
C GLU A 441 -0.07 8.11 4.43
N LEU A 442 -0.79 7.45 3.52
CA LEU A 442 -0.43 6.10 3.12
C LEU A 442 0.68 6.11 2.06
N VAL A 443 0.77 7.17 1.27
CA VAL A 443 1.92 7.32 0.38
C VAL A 443 3.18 7.58 1.20
N SER A 444 3.08 8.45 2.21
CA SER A 444 4.16 8.59 3.18
C SER A 444 4.48 7.24 3.81
N MET A 445 3.45 6.51 4.23
CA MET A 445 3.65 5.17 4.76
C MET A 445 4.33 4.27 3.74
N ALA A 446 4.16 4.55 2.45
CA ALA A 446 4.78 3.74 1.41
C ALA A 446 6.23 4.16 1.18
N LEU A 447 6.45 5.46 0.92
CA LEU A 447 7.81 5.96 0.72
C LEU A 447 8.73 5.56 1.85
N ALA A 448 8.22 5.58 3.09
CA ALA A 448 9.04 5.17 4.24
C ALA A 448 9.44 3.70 4.12
N MET A 449 8.51 2.84 3.73
CA MET A 449 8.84 1.42 3.56
C MET A 449 9.96 1.23 2.55
N VAL A 450 9.90 1.95 1.43
CA VAL A 450 10.90 1.79 0.38
C VAL A 450 12.21 2.48 0.77
N ALA A 451 12.13 3.66 1.37
CA ALA A 451 13.32 4.34 1.87
C ALA A 451 14.04 3.58 2.99
N GLU A 452 13.51 2.44 3.45
CA GLU A 452 14.19 1.64 4.45
C GLU A 452 14.72 0.32 3.90
N ASP A 453 14.15 -0.18 2.80
CA ASP A 453 14.68 -1.34 2.10
C ASP A 453 14.08 -1.29 0.69
N LYS A 454 14.91 -0.91 -0.29
CA LYS A 454 14.43 -0.67 -1.64
C LYS A 454 13.71 -1.89 -2.22
N GLN A 455 14.12 -3.10 -1.83
CA GLN A 455 13.54 -4.30 -2.38
C GLN A 455 12.09 -4.50 -1.95
N ILE A 456 11.66 -3.83 -0.88
CA ILE A 456 10.27 -3.97 -0.43
C ILE A 456 9.31 -3.35 -1.44
N ASN A 457 9.77 -2.36 -2.20
CA ASN A 457 8.94 -1.80 -3.27
C ASN A 457 8.53 -2.88 -4.25
N ARG A 458 9.46 -3.77 -4.60
CA ARG A 458 9.15 -4.89 -5.47
C ARG A 458 8.30 -5.94 -4.76
N VAL A 459 8.10 -5.82 -3.44
CA VAL A 459 7.11 -6.64 -2.74
C VAL A 459 5.73 -6.02 -2.88
N LEU A 460 5.58 -4.77 -2.42
CA LEU A 460 4.31 -4.05 -2.55
C LEU A 460 3.83 -4.01 -3.99
N GLU A 461 4.76 -4.05 -4.94
CA GLU A 461 4.39 -4.00 -6.35
C GLU A 461 3.48 -5.17 -6.73
N GLU A 462 3.86 -6.39 -6.32
CA GLU A 462 3.04 -7.56 -6.64
C GLU A 462 1.74 -7.57 -5.83
N LEU A 463 1.81 -7.15 -4.56
CA LEU A 463 0.63 -7.21 -3.71
C LEU A 463 -0.46 -6.25 -4.17
N PHE A 464 -0.07 -5.12 -4.74
CA PHE A 464 -1.03 -4.24 -5.40
C PHE A 464 -1.40 -4.73 -6.79
N ALA A 465 -0.76 -5.79 -7.26
CA ALA A 465 -0.89 -6.23 -8.64
C ALA A 465 -1.80 -7.45 -8.73
N GLU A 466 -2.68 -7.45 -9.72
CA GLU A 466 -3.45 -8.62 -10.10
C GLU A 466 -2.56 -9.86 -10.21
N GLU A 467 -1.36 -9.70 -10.78
CA GLU A 467 -0.47 -10.82 -11.00
C GLU A 467 -0.03 -11.45 -9.67
N GLY A 468 0.15 -12.77 -9.69
CA GLY A 468 0.74 -13.45 -8.55
C GLY A 468 -0.06 -13.28 -7.28
N ASN A 469 0.64 -12.97 -6.20
CA ASN A 469 0.03 -12.92 -4.88
C ASN A 469 -0.57 -11.54 -4.58
N GLU A 470 -1.28 -11.47 -3.46
CA GLU A 470 -2.18 -10.39 -3.07
C GLU A 470 -2.76 -10.79 -1.72
N MET A 471 -3.16 -9.82 -0.93
CA MET A 471 -3.57 -10.09 0.45
C MET A 471 -5.08 -10.36 0.48
N CYS A 472 -5.46 -11.53 0.99
CA CYS A 472 -6.85 -11.94 1.06
C CYS A 472 -7.26 -12.14 2.51
N ILE A 473 -8.57 -12.10 2.73
CA ILE A 473 -9.19 -12.47 4.01
C ILE A 473 -10.07 -13.66 3.74
N LYS A 474 -9.70 -14.83 4.28
CA LYS A 474 -10.42 -16.05 3.97
C LYS A 474 -11.03 -16.65 5.23
N PRO A 475 -12.27 -17.12 5.16
CA PRO A 475 -12.94 -17.65 6.35
C PRO A 475 -12.22 -18.88 6.90
N ALA A 476 -12.61 -19.24 8.12
CA ALA A 476 -12.02 -20.38 8.81
C ALA A 476 -12.60 -21.72 8.37
N GLU A 477 -13.60 -21.72 7.47
CA GLU A 477 -14.20 -22.97 7.03
C GLU A 477 -13.18 -23.89 6.38
N PHE A 478 -12.33 -23.34 5.51
CA PHE A 478 -11.37 -24.18 4.80
C PHE A 478 -10.37 -24.83 5.73
N TYR A 479 -10.05 -24.17 6.85
CA TYR A 479 -8.85 -24.46 7.61
C TYR A 479 -9.08 -25.40 8.78
N LEU A 480 -10.31 -25.54 9.25
CA LEU A 480 -10.57 -26.32 10.46
C LEU A 480 -12.05 -26.63 10.55
N PHE A 481 -12.41 -27.45 11.53
CA PHE A 481 -13.80 -27.70 11.85
C PHE A 481 -14.26 -26.75 12.95
N ASP A 482 -15.57 -26.73 13.18
CA ASP A 482 -16.13 -25.90 14.24
C ASP A 482 -15.63 -26.37 15.60
N GLN A 483 -15.17 -25.42 16.41
CA GLN A 483 -14.70 -25.69 17.77
C GLN A 483 -13.48 -26.62 17.75
N GLU A 484 -12.55 -26.36 16.84
CA GLU A 484 -11.32 -27.12 16.76
C GLU A 484 -10.22 -26.40 17.55
N GLU A 485 -9.40 -27.19 18.23
CA GLU A 485 -8.48 -26.68 19.24
C GLU A 485 -7.07 -26.77 18.68
N LEU A 486 -6.56 -25.65 18.17
CA LEU A 486 -5.39 -25.66 17.33
C LEU A 486 -4.50 -24.47 17.64
N CYS A 487 -3.19 -24.70 17.60
CA CYS A 487 -2.23 -23.62 17.67
C CYS A 487 -2.21 -22.85 16.35
N PHE A 488 -1.43 -21.77 16.30
CA PHE A 488 -1.30 -21.03 15.06
C PHE A 488 -0.45 -21.77 14.04
N TYR A 489 0.47 -22.62 14.52
CA TYR A 489 1.33 -23.37 13.62
C TYR A 489 0.53 -24.39 12.81
N ASP A 490 -0.46 -25.01 13.43
CA ASP A 490 -1.39 -25.80 12.65
C ASP A 490 -1.95 -25.05 11.46
N ILE A 491 -2.64 -23.96 11.75
CA ILE A 491 -3.31 -23.18 10.73
C ILE A 491 -2.30 -22.63 9.73
N MET A 492 -1.14 -22.20 10.23
CA MET A 492 -0.08 -21.71 9.34
C MET A 492 0.45 -22.81 8.44
N ILE A 493 0.45 -24.05 8.91
CA ILE A 493 0.89 -25.17 8.09
C ILE A 493 -0.26 -25.73 7.26
N ARG A 494 -1.50 -25.67 7.77
CA ARG A 494 -2.64 -26.08 6.96
C ARG A 494 -2.81 -25.18 5.74
N GLY A 495 -2.41 -23.92 5.84
CA GLY A 495 -2.45 -23.02 4.71
C GLY A 495 -1.53 -23.44 3.57
N ARG A 496 -0.59 -24.34 3.84
CA ARG A 496 0.36 -24.77 2.82
C ARG A 496 -0.23 -25.75 1.82
N THR A 497 -1.32 -26.44 2.18
CA THR A 497 -1.94 -27.37 1.26
C THR A 497 -2.78 -26.68 0.20
N ARG A 498 -3.25 -25.46 0.46
CA ARG A 498 -3.84 -24.63 -0.59
C ARG A 498 -2.91 -23.49 -0.99
N LYS A 499 -1.61 -23.62 -0.70
CA LYS A 499 -0.58 -22.76 -1.26
C LYS A 499 -0.76 -21.31 -0.80
N GLU A 500 -0.83 -21.13 0.52
CA GLU A 500 -1.09 -19.83 1.11
C GLU A 500 -0.17 -19.62 2.31
N ILE A 501 -0.03 -18.35 2.69
CA ILE A 501 0.77 -17.95 3.86
C ILE A 501 -0.19 -17.24 4.81
N VAL A 502 -0.59 -17.93 5.88
CA VAL A 502 -1.46 -17.34 6.89
C VAL A 502 -0.62 -16.40 7.75
N ILE A 503 -0.90 -15.11 7.67
CA ILE A 503 -0.12 -14.09 8.38
C ILE A 503 -0.85 -13.53 9.58
N GLY A 504 -2.07 -13.95 9.84
CA GLY A 504 -2.78 -13.44 11.00
C GLY A 504 -4.23 -13.90 11.01
N TYR A 505 -5.03 -13.20 11.80
CA TYR A 505 -6.45 -13.52 11.92
C TYR A 505 -7.19 -12.31 12.46
N ARG A 506 -8.51 -12.36 12.35
CA ARG A 506 -9.40 -11.47 13.08
C ARG A 506 -10.48 -12.32 13.71
N LEU A 507 -10.55 -12.33 15.04
CA LEU A 507 -11.49 -13.21 15.71
C LEU A 507 -12.92 -12.68 15.50
N ALA A 508 -13.89 -13.48 15.96
CA ALA A 508 -15.28 -13.28 15.55
C ALA A 508 -15.81 -11.91 15.94
N ASN A 509 -15.41 -11.40 17.11
CA ASN A 509 -15.94 -10.14 17.64
C ASN A 509 -14.82 -9.27 18.17
N GLN A 510 -13.82 -9.01 17.34
CA GLN A 510 -12.76 -8.06 17.62
C GLN A 510 -12.68 -7.06 16.48
N GLU A 511 -12.66 -5.77 16.82
CA GLU A 511 -12.70 -4.72 15.80
C GLU A 511 -11.55 -4.85 14.82
N ARG A 512 -10.36 -5.18 15.31
CA ARG A 512 -9.15 -5.13 14.50
C ARG A 512 -8.59 -6.52 14.29
N ALA A 513 -7.95 -6.72 13.14
CA ALA A 513 -7.34 -7.99 12.79
C ALA A 513 -5.93 -8.05 13.34
N ILE A 514 -5.58 -9.20 13.91
CA ILE A 514 -4.27 -9.42 14.52
C ILE A 514 -3.35 -10.01 13.45
N ILE A 515 -2.34 -9.24 13.06
CA ILE A 515 -1.33 -9.69 12.11
C ILE A 515 -0.10 -10.13 12.88
N ASN A 516 0.38 -11.33 12.57
CA ASN A 516 1.55 -11.94 13.23
C ASN A 516 1.33 -12.02 14.73
N PRO A 517 0.44 -12.89 15.20
CA PRO A 517 0.26 -13.05 16.65
C PRO A 517 1.49 -13.65 17.29
N SER A 518 1.64 -13.41 18.59
CA SER A 518 2.85 -13.75 19.31
C SER A 518 2.80 -15.09 20.03
N GLU A 519 1.61 -15.55 20.42
CA GLU A 519 1.45 -16.84 21.11
C GLU A 519 1.05 -17.88 20.07
N LYS A 520 2.05 -18.39 19.34
CA LYS A 520 1.78 -19.24 18.19
C LYS A 520 1.63 -20.72 18.54
N SER A 521 2.20 -21.17 19.64
CA SER A 521 2.17 -22.59 19.99
C SER A 521 1.13 -22.93 21.06
N VAL A 522 0.37 -21.94 21.50
CA VAL A 522 -0.75 -22.16 22.42
C VAL A 522 -1.99 -22.49 21.59
N PRO A 523 -2.59 -23.67 21.76
CA PRO A 523 -3.82 -23.96 21.03
C PRO A 523 -5.00 -23.21 21.62
N ARG A 524 -6.01 -23.00 20.78
CA ARG A 524 -7.21 -22.30 21.21
C ARG A 524 -8.41 -22.82 20.45
N LYS A 525 -9.59 -22.53 20.98
CA LYS A 525 -10.85 -22.99 20.39
C LYS A 525 -11.26 -22.03 19.28
N TRP A 526 -11.14 -22.48 18.03
CA TRP A 526 -11.49 -21.65 16.88
C TRP A 526 -12.95 -21.88 16.50
N SER A 527 -13.48 -20.98 15.67
CA SER A 527 -14.88 -21.02 15.28
C SER A 527 -15.02 -20.67 13.81
N LEU A 528 -16.15 -21.08 13.23
CA LEU A 528 -16.38 -20.85 11.81
C LEU A 528 -16.60 -19.37 11.49
N ASP A 529 -16.95 -18.56 12.48
CA ASP A 529 -17.07 -17.13 12.26
C ASP A 529 -15.74 -16.39 12.38
N ASP A 530 -14.64 -17.10 12.60
CA ASP A 530 -13.33 -16.46 12.50
C ASP A 530 -12.94 -16.29 11.04
N VAL A 531 -11.84 -15.57 10.82
CA VAL A 531 -11.31 -15.33 9.49
C VAL A 531 -9.79 -15.29 9.59
N PHE A 532 -9.12 -15.55 8.47
CA PHE A 532 -7.66 -15.65 8.44
C PHE A 532 -7.12 -14.74 7.36
N VAL A 533 -6.12 -13.95 7.73
CA VAL A 533 -5.43 -13.06 6.80
C VAL A 533 -4.31 -13.87 6.14
N VAL A 534 -4.43 -14.09 4.83
CA VAL A 534 -3.55 -14.99 4.11
C VAL A 534 -2.85 -14.24 2.98
N LEU A 535 -1.82 -14.88 2.43
CA LEU A 535 -1.08 -14.40 1.27
C LEU A 535 -1.33 -15.39 0.14
N ALA A 536 -2.50 -15.30 -0.47
CA ALA A 536 -2.92 -16.23 -1.50
C ALA A 536 -2.66 -15.64 -2.88
N SER A 537 -3.17 -16.31 -3.92
CA SER A 537 -2.99 -15.87 -5.30
C SER A 537 -4.05 -16.50 -6.19
N GLY A 538 -5.25 -15.92 -6.21
CA GLY A 538 -6.34 -16.45 -6.99
C GLY A 538 -6.82 -17.80 -6.50
#